data_1ZR6
#
_entry.id   1ZR6
#
_cell.length_a   53.084
_cell.length_b   90.907
_cell.length_c   111.679
_cell.angle_alpha   90.00
_cell.angle_beta   90.00
_cell.angle_gamma   90.00
#
_symmetry.space_group_name_H-M   'P 21 21 21'
#
loop_
_entity.id
_entity.type
_entity.pdbx_description
1 polymer 'glucooligosaccharide oxidase'
2 non-polymer 2-acetamido-2-deoxy-beta-D-glucopyranose
3 non-polymer 'ZINC ION'
4 non-polymer 'FLAVIN-ADENINE DINUCLEOTIDE'
5 water water
#
_entity_poly.entity_id   1
_entity_poly.type   'polypeptide(L)'
_entity_poly.pdbx_seq_one_letter_code
;EAEAEFNSINACLAAADVEFHEEDSEGWDMDGTAFNLRVDYDPAAIAIPRSTEDIAAAVQCGLDAGVQISAKGGGHSYGS
YGFGGEDGHLMLELDRMYRVSVDDNNVATIQGGARLGYTALELLDQGNRALSHGTCPAVGVGGHVLGGGYGFATHTHGLT
LDWLIGATVVLADASIVHVSETENADLFWALRGGGGGFAIVSEFEFNTFEAPEIITTYQVTTTWNRKQHVAGLKALQDWA
QNTMPRELSMRLEINANALNWEGNFFGNAKDLKKILQPIMKKAGGKSTISKLVETDWYGQINTYLYGADLNITYNYDVHE
YFYANSLTAPRLSDEAIQAFVDYKFDNSSVRPGRGWWIQWDFHGGKNSALAAVSNDETAYAHRDQLWLWQFYDSIYDYEN
NTSPYPESGFEFMQGFVATIEDTLPEDRKGKYFNYADTTLTKEEAQKLYWRGNLEKLQAIKAKYDPEDVFGNVVSVEPIA
YLEQKLISEEDLNSAVDHHHHHH
;
_entity_poly.pdbx_strand_id   A
#
loop_
_chem_comp.id
_chem_comp.type
_chem_comp.name
_chem_comp.formula
FAD non-polymer 'FLAVIN-ADENINE DINUCLEOTIDE' 'C27 H33 N9 O15 P2'
NAG D-saccharide, beta linking 2-acetamido-2-deoxy-beta-D-glucopyranose 'C8 H15 N O6'
ZN non-polymer 'ZINC ION' 'Zn 2'
#
# COMPACT_ATOMS: atom_id res chain seq x y z
N GLU A 3 -16.04 26.70 -17.09
CA GLU A 3 -17.32 26.94 -16.35
C GLU A 3 -17.95 25.64 -15.88
N ALA A 4 -19.09 25.76 -15.20
CA ALA A 4 -19.78 24.60 -14.65
C ALA A 4 -20.89 24.02 -15.50
N GLU A 5 -20.71 24.00 -16.82
CA GLU A 5 -21.76 23.46 -17.67
C GLU A 5 -22.06 22.00 -17.30
N PHE A 6 -23.35 21.68 -17.23
CA PHE A 6 -23.81 20.34 -16.93
C PHE A 6 -23.29 19.69 -15.66
N ASN A 7 -22.83 20.50 -14.71
CA ASN A 7 -22.34 19.93 -13.47
C ASN A 7 -22.58 20.89 -12.32
N SER A 8 -23.60 20.58 -11.51
CA SER A 8 -23.96 21.42 -10.38
C SER A 8 -22.87 21.43 -9.32
N ILE A 9 -22.08 20.36 -9.24
CA ILE A 9 -21.00 20.32 -8.27
C ILE A 9 -19.93 21.32 -8.67
N ASN A 10 -19.61 21.37 -9.96
CA ASN A 10 -18.61 22.32 -10.45
C ASN A 10 -19.05 23.74 -10.18
N ALA A 11 -20.36 23.98 -10.26
CA ALA A 11 -20.90 25.31 -10.01
C ALA A 11 -20.63 25.68 -8.55
N CYS A 12 -20.83 24.71 -7.66
CA CYS A 12 -20.59 24.91 -6.24
C CYS A 12 -19.11 25.15 -5.97
N LEU A 13 -18.26 24.37 -6.63
CA LEU A 13 -16.82 24.52 -6.43
C LEU A 13 -16.36 25.89 -6.91
N ALA A 14 -16.88 26.34 -8.04
CA ALA A 14 -16.51 27.65 -8.58
C ALA A 14 -16.89 28.72 -7.58
N ALA A 15 -18.08 28.59 -7.01
CA ALA A 15 -18.58 29.55 -6.02
C ALA A 15 -17.69 29.58 -4.78
N ALA A 16 -17.06 28.46 -4.47
CA ALA A 16 -16.20 28.36 -3.30
C ALA A 16 -14.75 28.69 -3.65
N ASP A 17 -14.52 29.04 -4.91
CA ASP A 17 -13.19 29.38 -5.39
C ASP A 17 -12.25 28.17 -5.30
N VAL A 18 -12.80 26.99 -5.56
CA VAL A 18 -12.03 25.75 -5.55
C VAL A 18 -11.90 25.28 -6.99
N GLU A 19 -10.67 25.00 -7.39
CA GLU A 19 -10.42 24.55 -8.76
C GLU A 19 -11.07 23.20 -9.04
N PHE A 20 -11.47 22.99 -10.29
CA PHE A 20 -12.08 21.74 -10.71
C PHE A 20 -11.74 21.46 -12.16
N HIS A 21 -11.95 20.21 -12.59
CA HIS A 21 -11.70 19.82 -13.96
C HIS A 21 -13.02 19.66 -14.69
N GLU A 22 -13.17 20.32 -15.82
CA GLU A 22 -14.39 20.14 -16.60
C GLU A 22 -14.22 18.75 -17.20
N GLU A 23 -15.33 18.03 -17.39
CA GLU A 23 -15.22 16.68 -17.91
C GLU A 23 -14.71 16.58 -19.34
N ASP A 24 -14.70 17.69 -20.06
CA ASP A 24 -14.21 17.68 -21.45
C ASP A 24 -12.74 18.09 -21.54
N SER A 25 -12.08 18.23 -20.39
CA SER A 25 -10.69 18.67 -20.34
C SER A 25 -9.61 17.60 -20.28
N GLU A 26 -8.38 18.01 -20.55
CA GLU A 26 -7.24 17.11 -20.51
C GLU A 26 -6.96 16.78 -19.05
N GLY A 27 -7.27 17.72 -18.17
CA GLY A 27 -7.08 17.51 -16.76
C GLY A 27 -7.91 16.33 -16.29
N TRP A 28 -9.14 16.23 -16.81
CA TRP A 28 -10.02 15.13 -16.46
C TRP A 28 -9.45 13.84 -17.02
N ASP A 29 -8.92 13.91 -18.25
CA ASP A 29 -8.33 12.74 -18.88
C ASP A 29 -7.24 12.15 -17.99
N MET A 30 -6.41 13.02 -17.44
CA MET A 30 -5.32 12.59 -16.58
C MET A 30 -5.77 12.08 -15.22
N ASP A 31 -6.38 12.96 -14.44
CA ASP A 31 -6.82 12.63 -13.09
C ASP A 31 -8.08 11.79 -12.98
N GLY A 32 -8.88 11.79 -14.04
CA GLY A 32 -10.11 11.02 -14.05
C GLY A 32 -9.98 9.64 -14.65
N THR A 33 -8.76 9.24 -15.00
CA THR A 33 -8.51 7.93 -15.55
C THR A 33 -7.66 7.17 -14.54
N ALA A 34 -8.19 6.06 -14.03
CA ALA A 34 -7.51 5.26 -13.03
C ALA A 34 -6.18 4.67 -13.47
N PHE A 35 -5.28 4.48 -12.50
CA PHE A 35 -3.98 3.88 -12.76
C PHE A 35 -4.18 2.51 -13.41
N ASN A 36 -5.02 1.69 -12.78
CA ASN A 36 -5.33 0.36 -13.29
C ASN A 36 -6.51 0.50 -14.25
N LEU A 37 -6.23 0.47 -15.54
CA LEU A 37 -7.25 0.63 -16.57
C LEU A 37 -8.34 -0.45 -16.56
N ARG A 38 -8.10 -1.57 -15.89
CA ARG A 38 -9.10 -2.63 -15.82
C ARG A 38 -10.25 -2.16 -14.94
N VAL A 39 -9.96 -1.26 -14.01
CA VAL A 39 -10.98 -0.73 -13.11
C VAL A 39 -10.98 0.80 -13.15
N ASP A 40 -11.28 1.33 -14.33
CA ASP A 40 -11.35 2.77 -14.52
C ASP A 40 -12.78 3.17 -14.20
N TYR A 41 -12.95 4.29 -13.49
CA TYR A 41 -14.28 4.75 -13.15
C TYR A 41 -14.49 6.19 -13.56
N ASP A 42 -15.75 6.59 -13.59
CA ASP A 42 -16.16 7.91 -14.00
C ASP A 42 -16.65 8.72 -12.79
N PRO A 43 -15.82 9.64 -12.28
CA PRO A 43 -16.27 10.43 -11.12
C PRO A 43 -17.42 11.39 -11.49
N ALA A 44 -18.15 11.82 -10.47
CA ALA A 44 -19.26 12.74 -10.66
C ALA A 44 -18.68 14.12 -10.95
N ALA A 45 -17.48 14.36 -10.40
CA ALA A 45 -16.77 15.62 -10.58
C ALA A 45 -15.38 15.45 -9.97
N ILE A 46 -14.47 16.37 -10.31
CA ILE A 46 -13.11 16.32 -9.79
C ILE A 46 -12.66 17.68 -9.28
N ALA A 47 -12.50 17.80 -7.97
CA ALA A 47 -12.05 19.03 -7.35
C ALA A 47 -10.54 18.95 -7.17
N ILE A 48 -9.88 20.11 -7.21
CA ILE A 48 -8.43 20.16 -7.04
C ILE A 48 -8.12 21.14 -5.92
N PRO A 49 -8.34 20.74 -4.67
CA PRO A 49 -8.07 21.61 -3.54
C PRO A 49 -6.59 21.97 -3.38
N ARG A 50 -6.31 23.17 -2.88
CA ARG A 50 -4.95 23.63 -2.69
C ARG A 50 -4.68 23.98 -1.22
N SER A 51 -5.66 23.75 -0.37
CA SER A 51 -5.52 24.05 1.05
C SER A 51 -6.52 23.25 1.86
N THR A 52 -6.35 23.26 3.18
CA THR A 52 -7.25 22.55 4.07
C THR A 52 -8.65 23.10 3.89
N GLU A 53 -8.76 24.42 3.82
CA GLU A 53 -10.05 25.07 3.64
C GLU A 53 -10.72 24.65 2.33
N ASP A 54 -9.90 24.49 1.28
CA ASP A 54 -10.40 24.08 -0.02
C ASP A 54 -11.00 22.67 0.07
N ILE A 55 -10.34 21.80 0.82
CA ILE A 55 -10.84 20.44 0.99
C ILE A 55 -12.20 20.48 1.67
N ALA A 56 -12.32 21.26 2.74
CA ALA A 56 -13.58 21.37 3.46
C ALA A 56 -14.69 21.95 2.57
N ALA A 57 -14.33 22.95 1.76
CA ALA A 57 -15.31 23.57 0.88
C ALA A 57 -15.80 22.55 -0.15
N ALA A 58 -14.87 21.75 -0.66
CA ALA A 58 -15.21 20.72 -1.64
C ALA A 58 -16.11 19.66 -1.01
N VAL A 59 -15.81 19.28 0.23
CA VAL A 59 -16.63 18.29 0.92
C VAL A 59 -18.05 18.83 1.07
N GLN A 60 -18.17 20.12 1.37
CA GLN A 60 -19.49 20.71 1.54
C GLN A 60 -20.26 20.64 0.22
N CYS A 61 -19.57 20.89 -0.89
CA CYS A 61 -20.20 20.82 -2.19
C CYS A 61 -20.71 19.41 -2.48
N GLY A 62 -19.94 18.41 -2.05
CA GLY A 62 -20.36 17.04 -2.26
C GLY A 62 -21.60 16.74 -1.43
N LEU A 63 -21.63 17.29 -0.22
CA LEU A 63 -22.77 17.09 0.66
C LEU A 63 -24.02 17.69 0.04
N ASP A 64 -23.88 18.89 -0.51
CA ASP A 64 -24.98 19.58 -1.16
C ASP A 64 -25.53 18.76 -2.33
N ALA A 65 -24.65 18.02 -2.99
CA ALA A 65 -25.02 17.21 -4.13
C ALA A 65 -25.56 15.84 -3.75
N GLY A 66 -25.31 15.42 -2.52
CA GLY A 66 -25.78 14.12 -2.06
C GLY A 66 -24.97 12.96 -2.61
N VAL A 67 -23.70 13.20 -2.90
CA VAL A 67 -22.83 12.16 -3.43
C VAL A 67 -21.75 11.77 -2.44
N GLN A 68 -21.18 10.59 -2.62
CA GLN A 68 -20.10 10.16 -1.75
C GLN A 68 -18.87 10.91 -2.27
N ILE A 69 -17.87 11.05 -1.41
CA ILE A 69 -16.68 11.81 -1.75
C ILE A 69 -15.41 11.00 -1.50
N SER A 70 -14.57 10.90 -2.53
CA SER A 70 -13.34 10.13 -2.42
C SER A 70 -12.06 10.95 -2.60
N ALA A 71 -11.19 10.87 -1.60
CA ALA A 71 -9.91 11.58 -1.69
C ALA A 71 -9.01 10.72 -2.57
N LYS A 72 -8.21 11.37 -3.41
CA LYS A 72 -7.27 10.66 -4.26
C LYS A 72 -5.90 11.26 -3.95
N GLY A 73 -4.98 10.42 -3.48
CA GLY A 73 -3.65 10.90 -3.17
C GLY A 73 -2.74 10.72 -4.36
N GLY A 74 -2.18 9.52 -4.52
CA GLY A 74 -1.31 9.25 -5.64
C GLY A 74 -2.01 8.42 -6.72
N GLY A 75 -3.21 7.95 -6.40
CA GLY A 75 -3.97 7.16 -7.36
C GLY A 75 -3.43 5.76 -7.62
N HIS A 76 -2.64 5.22 -6.70
CA HIS A 76 -2.07 3.90 -6.92
C HIS A 76 -2.81 2.69 -6.35
N SER A 77 -4.01 2.92 -5.78
CA SER A 77 -4.81 1.83 -5.25
C SER A 77 -5.18 0.87 -6.39
N TYR A 78 -5.10 -0.43 -6.14
CA TYR A 78 -5.40 -1.43 -7.16
C TYR A 78 -6.87 -1.54 -7.52
N GLY A 79 -7.72 -0.96 -6.67
CA GLY A 79 -9.15 -0.98 -6.91
C GLY A 79 -9.67 0.41 -7.25
N SER A 80 -8.74 1.34 -7.46
CA SER A 80 -9.08 2.72 -7.81
C SER A 80 -9.97 3.36 -6.74
N TYR A 81 -9.58 3.23 -5.48
CA TYR A 81 -10.37 3.78 -4.41
C TYR A 81 -10.30 5.30 -4.30
N GLY A 82 -9.38 5.91 -5.05
CA GLY A 82 -9.31 7.36 -5.07
C GLY A 82 -10.55 7.88 -5.78
N PHE A 83 -11.22 6.96 -6.47
CA PHE A 83 -12.47 7.23 -7.21
C PHE A 83 -13.67 6.74 -6.41
N GLY A 84 -13.40 5.97 -5.35
CA GLY A 84 -14.47 5.40 -4.56
C GLY A 84 -14.68 3.94 -4.94
N GLY A 85 -13.94 3.48 -5.95
CA GLY A 85 -14.06 2.10 -6.38
C GLY A 85 -15.27 1.82 -7.25
N GLU A 86 -15.95 2.88 -7.67
CA GLU A 86 -17.13 2.78 -8.52
C GLU A 86 -17.39 4.16 -9.13
N ASP A 87 -18.31 4.24 -10.08
CA ASP A 87 -18.65 5.51 -10.71
C ASP A 87 -19.46 6.41 -9.78
N GLY A 88 -19.47 7.70 -10.09
CA GLY A 88 -20.30 8.64 -9.35
C GLY A 88 -19.91 9.33 -8.07
N HIS A 89 -18.65 9.23 -7.65
CA HIS A 89 -18.25 9.92 -6.43
C HIS A 89 -17.57 11.24 -6.79
N LEU A 90 -17.64 12.20 -5.87
CA LEU A 90 -16.95 13.46 -6.07
C LEU A 90 -15.51 13.13 -5.70
N MET A 91 -14.59 13.34 -6.64
CA MET A 91 -13.19 13.05 -6.39
C MET A 91 -12.44 14.30 -5.96
N LEU A 92 -11.62 14.18 -4.93
CA LEU A 92 -10.79 15.29 -4.49
C LEU A 92 -9.37 14.91 -4.86
N GLU A 93 -8.90 15.42 -6.00
CA GLU A 93 -7.55 15.16 -6.47
C GLU A 93 -6.64 16.02 -5.60
N LEU A 94 -5.86 15.37 -4.74
CA LEU A 94 -4.98 16.07 -3.81
C LEU A 94 -3.53 16.25 -4.22
N ASP A 95 -3.12 15.73 -5.37
CA ASP A 95 -1.70 15.81 -5.71
C ASP A 95 -1.09 17.18 -5.97
N ARG A 96 -1.86 18.25 -5.78
CA ARG A 96 -1.31 19.61 -5.93
C ARG A 96 -0.87 20.06 -4.53
N MET A 97 -1.25 19.29 -3.52
CA MET A 97 -0.91 19.58 -2.13
C MET A 97 0.16 18.57 -1.73
N TYR A 98 1.42 18.93 -1.97
CA TYR A 98 2.53 18.03 -1.66
C TYR A 98 3.65 18.65 -0.84
N ARG A 99 3.37 19.76 -0.18
CA ARG A 99 4.37 20.43 0.64
C ARG A 99 4.96 19.52 1.72
N VAL A 100 6.29 19.55 1.85
CA VAL A 100 6.98 18.76 2.86
C VAL A 100 7.90 19.70 3.62
N SER A 101 7.78 19.72 4.94
CA SER A 101 8.60 20.60 5.77
C SER A 101 9.08 19.90 7.04
N VAL A 102 10.39 19.91 7.25
CA VAL A 102 10.98 19.28 8.42
C VAL A 102 11.41 20.37 9.41
N ASP A 103 10.97 20.28 10.66
CA ASP A 103 11.34 21.27 11.65
C ASP A 103 12.60 20.89 12.43
N ASP A 104 13.00 21.75 13.36
CA ASP A 104 14.19 21.52 14.15
C ASP A 104 14.09 20.32 15.09
N ASN A 105 12.90 19.73 15.19
CA ASN A 105 12.69 18.57 16.04
C ASN A 105 12.67 17.32 15.17
N ASN A 106 13.00 17.50 13.89
CA ASN A 106 13.03 16.40 12.94
C ASN A 106 11.63 15.85 12.64
N VAL A 107 10.62 16.67 12.92
CA VAL A 107 9.24 16.26 12.65
C VAL A 107 8.91 16.78 11.26
N ALA A 108 8.38 15.90 10.42
CA ALA A 108 8.04 16.30 9.06
C ALA A 108 6.55 16.47 8.84
N THR A 109 6.20 17.61 8.27
CA THR A 109 4.82 17.92 7.94
C THR A 109 4.72 17.60 6.45
N ILE A 110 3.79 16.72 6.09
CA ILE A 110 3.63 16.29 4.70
C ILE A 110 2.17 16.42 4.27
N GLN A 111 1.92 17.20 3.23
CA GLN A 111 0.54 17.37 2.76
C GLN A 111 -0.03 16.07 2.22
N GLY A 112 -1.34 15.94 2.31
CA GLY A 112 -2.06 14.74 1.90
C GLY A 112 -1.95 14.25 0.47
N GLY A 113 -1.39 15.06 -0.42
CA GLY A 113 -1.26 14.64 -1.81
C GLY A 113 0.18 14.36 -2.21
N ALA A 114 1.09 14.38 -1.25
CA ALA A 114 2.49 14.13 -1.55
C ALA A 114 2.72 12.68 -1.92
N ARG A 115 3.72 12.43 -2.77
CA ARG A 115 4.06 11.08 -3.20
C ARG A 115 5.38 10.64 -2.55
N LEU A 116 5.63 9.34 -2.52
CA LEU A 116 6.84 8.82 -1.87
C LEU A 116 8.18 9.34 -2.37
N GLY A 117 8.36 9.39 -3.68
CA GLY A 117 9.62 9.85 -4.24
C GLY A 117 9.95 11.28 -3.86
N TYR A 118 9.04 12.19 -4.15
CA TYR A 118 9.21 13.59 -3.83
C TYR A 118 9.44 13.76 -2.33
N THR A 119 8.67 13.02 -1.53
CA THR A 119 8.79 13.09 -0.09
C THR A 119 10.18 12.66 0.38
N ALA A 120 10.65 11.53 -0.13
CA ALA A 120 11.96 11.01 0.25
C ALA A 120 13.05 12.04 -0.09
N LEU A 121 12.95 12.64 -1.26
CA LEU A 121 13.92 13.65 -1.69
C LEU A 121 13.92 14.84 -0.74
N GLU A 122 12.73 15.34 -0.41
CA GLU A 122 12.62 16.47 0.49
C GLU A 122 13.15 16.19 1.89
N LEU A 123 12.89 14.99 2.40
CA LEU A 123 13.38 14.65 3.73
C LEU A 123 14.91 14.61 3.73
N LEU A 124 15.49 14.13 2.65
CA LEU A 124 16.94 14.08 2.54
C LEU A 124 17.51 15.48 2.46
N ASP A 125 16.92 16.29 1.60
CA ASP A 125 17.37 17.67 1.42
C ASP A 125 17.21 18.50 2.69
N GLN A 126 16.18 18.20 3.47
CA GLN A 126 15.91 18.96 4.69
C GLN A 126 16.39 18.29 5.98
N GLY A 127 17.70 18.17 6.14
CA GLY A 127 18.23 17.59 7.36
C GLY A 127 18.65 16.14 7.28
N ASN A 128 18.74 15.59 6.07
CA ASN A 128 19.16 14.21 5.88
C ASN A 128 18.29 13.26 6.71
N ARG A 129 16.97 13.39 6.57
CA ARG A 129 16.04 12.56 7.31
C ARG A 129 15.43 11.49 6.39
N ALA A 130 14.80 10.50 6.99
CA ALA A 130 14.19 9.41 6.23
C ALA A 130 12.92 8.93 6.91
N LEU A 131 12.09 8.25 6.12
CA LEU A 131 10.84 7.70 6.62
C LEU A 131 10.77 6.27 6.12
N SER A 132 9.99 5.44 6.80
CA SER A 132 9.83 4.04 6.39
C SER A 132 8.65 3.96 5.44
N HIS A 133 8.91 3.60 4.19
CA HIS A 133 7.83 3.51 3.20
C HIS A 133 8.16 2.61 2.03
N GLY A 134 7.18 2.47 1.13
CA GLY A 134 7.31 1.62 -0.04
C GLY A 134 8.37 2.03 -1.04
N THR A 135 8.46 1.26 -2.12
CA THR A 135 9.44 1.46 -3.17
C THR A 135 9.03 2.40 -4.31
N CYS A 136 7.74 2.37 -4.66
CA CYS A 136 7.25 3.18 -5.77
C CYS A 136 7.19 4.67 -5.53
N PRO A 137 7.97 5.45 -6.29
CA PRO A 137 7.97 6.91 -6.12
C PRO A 137 6.63 7.59 -6.40
N ALA A 138 5.77 6.95 -7.18
CA ALA A 138 4.47 7.52 -7.54
C ALA A 138 3.39 7.35 -6.47
N VAL A 139 3.58 6.41 -5.57
CA VAL A 139 2.61 6.16 -4.52
C VAL A 139 2.33 7.37 -3.66
N GLY A 140 1.04 7.60 -3.37
CA GLY A 140 0.69 8.72 -2.51
C GLY A 140 0.92 8.39 -1.05
N VAL A 141 1.54 9.30 -0.32
CA VAL A 141 1.78 9.10 1.12
C VAL A 141 0.45 8.84 1.82
N GLY A 142 -0.59 9.53 1.38
CA GLY A 142 -1.90 9.39 1.98
C GLY A 142 -2.46 7.99 2.01
N GLY A 143 -2.66 7.39 0.83
CA GLY A 143 -3.19 6.05 0.79
C GLY A 143 -2.25 5.08 1.47
N HIS A 144 -0.96 5.30 1.26
CA HIS A 144 0.08 4.44 1.80
C HIS A 144 0.01 4.31 3.31
N VAL A 145 0.03 5.44 4.02
CA VAL A 145 0.01 5.41 5.47
C VAL A 145 -1.33 4.95 6.05
N LEU A 146 -2.43 5.32 5.40
CA LEU A 146 -3.75 4.90 5.89
C LEU A 146 -3.90 3.38 5.91
N GLY A 147 -3.22 2.70 4.99
CA GLY A 147 -3.32 1.25 4.92
C GLY A 147 -2.16 0.53 5.59
N GLY A 148 -1.10 1.27 5.89
CA GLY A 148 0.06 0.67 6.50
C GLY A 148 1.33 1.32 5.98
N GLY A 149 1.80 0.86 4.82
CA GLY A 149 3.01 1.42 4.22
C GLY A 149 4.12 0.42 4.46
N TYR A 150 4.29 -0.50 3.52
CA TYR A 150 5.26 -1.59 3.63
C TYR A 150 6.42 -1.51 2.64
N GLY A 151 7.62 -1.87 3.10
CA GLY A 151 8.76 -1.83 2.21
C GLY A 151 10.00 -2.45 2.81
N PHE A 152 11.15 -2.15 2.19
CA PHE A 152 12.41 -2.69 2.65
C PHE A 152 12.93 -2.13 3.97
N ALA A 153 12.18 -1.19 4.55
CA ALA A 153 12.57 -0.60 5.82
C ALA A 153 11.60 -1.04 6.93
N THR A 154 10.59 -1.81 6.57
CA THR A 154 9.60 -2.26 7.55
C THR A 154 10.14 -3.22 8.61
N HIS A 155 10.99 -4.16 8.22
CA HIS A 155 11.53 -5.09 9.20
C HIS A 155 12.36 -4.37 10.25
N THR A 156 13.00 -3.28 9.83
CA THR A 156 13.87 -2.49 10.70
C THR A 156 13.18 -1.30 11.36
N HIS A 157 12.28 -0.65 10.62
CA HIS A 157 11.61 0.54 11.12
C HIS A 157 10.08 0.52 11.08
N GLY A 158 9.49 -0.66 10.92
CA GLY A 158 8.05 -0.76 10.92
C GLY A 158 7.33 -0.16 9.72
N LEU A 159 6.03 0.02 9.88
CA LEU A 159 5.18 0.57 8.82
C LEU A 159 5.26 2.09 8.78
N THR A 160 4.86 2.68 7.67
CA THR A 160 4.87 4.13 7.55
C THR A 160 4.01 4.71 8.67
N LEU A 161 2.89 4.06 8.97
CA LEU A 161 2.00 4.55 10.01
C LEU A 161 2.58 4.49 11.43
N ASP A 162 3.68 3.76 11.60
CA ASP A 162 4.31 3.67 12.92
C ASP A 162 5.09 4.94 13.25
N TRP A 163 5.24 5.81 12.25
CA TRP A 163 5.95 7.07 12.44
C TRP A 163 5.03 8.27 12.49
N LEU A 164 3.74 8.04 12.26
CA LEU A 164 2.77 9.13 12.27
C LEU A 164 2.46 9.57 13.70
N ILE A 165 2.51 10.88 13.94
CA ILE A 165 2.23 11.41 15.28
C ILE A 165 1.07 12.41 15.29
N GLY A 166 0.56 12.75 14.11
CA GLY A 166 -0.56 13.68 14.06
C GLY A 166 -1.02 13.97 12.64
N ALA A 167 -2.13 14.68 12.52
CA ALA A 167 -2.66 15.05 11.22
C ALA A 167 -3.76 16.09 11.32
N THR A 168 -3.94 16.85 10.24
CA THR A 168 -5.00 17.84 10.16
C THR A 168 -5.93 17.24 9.13
N VAL A 169 -7.18 16.99 9.51
CA VAL A 169 -8.12 16.33 8.61
C VAL A 169 -9.48 17.01 8.49
N VAL A 170 -10.19 16.67 7.42
CA VAL A 170 -11.52 17.21 7.17
C VAL A 170 -12.50 16.04 7.35
N LEU A 171 -13.54 16.28 8.14
CA LEU A 171 -14.53 15.26 8.42
C LEU A 171 -15.69 15.29 7.44
N ALA A 172 -16.54 14.27 7.50
CA ALA A 172 -17.69 14.14 6.61
C ALA A 172 -18.71 15.25 6.68
N ASP A 173 -18.68 16.05 7.75
CA ASP A 173 -19.61 17.16 7.88
C ASP A 173 -18.91 18.47 7.53
N ALA A 174 -17.75 18.33 6.91
CA ALA A 174 -16.92 19.45 6.47
C ALA A 174 -16.18 20.17 7.60
N SER A 175 -16.22 19.59 8.80
CA SER A 175 -15.50 20.20 9.91
C SER A 175 -14.02 19.89 9.72
N ILE A 176 -13.16 20.67 10.36
CA ILE A 176 -11.71 20.48 10.26
C ILE A 176 -11.18 20.23 11.66
N VAL A 177 -10.47 19.12 11.84
CA VAL A 177 -9.94 18.81 13.16
C VAL A 177 -8.51 18.31 13.14
N HIS A 178 -7.88 18.35 14.31
CA HIS A 178 -6.53 17.86 14.43
C HIS A 178 -6.62 16.53 15.18
N VAL A 179 -5.76 15.58 14.81
CA VAL A 179 -5.77 14.28 15.45
C VAL A 179 -4.37 13.88 15.88
N SER A 180 -4.29 13.10 16.95
CA SER A 180 -3.02 12.61 17.50
C SER A 180 -3.37 11.58 18.56
N GLU A 181 -2.36 11.03 19.21
CA GLU A 181 -2.61 10.05 20.26
C GLU A 181 -3.30 10.67 21.46
N THR A 182 -3.29 12.00 21.54
CA THR A 182 -3.91 12.69 22.67
C THR A 182 -5.11 13.57 22.29
N GLU A 183 -5.44 13.62 21.00
CA GLU A 183 -6.54 14.44 20.52
C GLU A 183 -7.33 13.66 19.48
N ASN A 184 -8.60 13.38 19.75
CA ASN A 184 -9.42 12.60 18.83
C ASN A 184 -8.64 11.32 18.56
N ALA A 185 -8.13 10.74 19.65
CA ALA A 185 -7.31 9.54 19.59
C ALA A 185 -7.95 8.35 18.89
N ASP A 186 -9.26 8.22 18.96
CA ASP A 186 -9.92 7.11 18.30
C ASP A 186 -9.80 7.26 16.78
N LEU A 187 -10.00 8.47 16.28
CA LEU A 187 -9.86 8.71 14.84
C LEU A 187 -8.41 8.55 14.43
N PHE A 188 -7.48 9.01 15.27
CA PHE A 188 -6.07 8.87 14.96
C PHE A 188 -5.70 7.40 14.82
N TRP A 189 -6.26 6.57 15.69
CA TRP A 189 -6.03 5.13 15.68
C TRP A 189 -6.55 4.53 14.37
N ALA A 190 -7.76 4.94 13.98
CA ALA A 190 -8.38 4.45 12.76
C ALA A 190 -7.62 4.86 11.49
N LEU A 191 -7.07 6.07 11.49
CA LEU A 191 -6.34 6.54 10.32
C LEU A 191 -5.06 5.73 10.16
N ARG A 192 -4.56 5.20 11.28
CA ARG A 192 -3.35 4.41 11.22
C ARG A 192 -3.65 2.93 10.93
N GLY A 193 -4.07 2.67 9.70
CA GLY A 193 -4.35 1.30 9.29
C GLY A 193 -5.76 1.00 8.82
N GLY A 194 -6.70 1.88 9.12
CA GLY A 194 -8.08 1.67 8.74
C GLY A 194 -8.43 1.86 7.27
N GLY A 195 -7.47 2.28 6.47
CA GLY A 195 -7.74 2.47 5.06
C GLY A 195 -8.51 3.75 4.77
N GLY A 196 -9.34 3.73 3.73
CA GLY A 196 -10.08 4.92 3.39
C GLY A 196 -11.45 5.11 4.01
N GLY A 197 -11.96 6.32 3.88
CA GLY A 197 -13.29 6.64 4.37
C GLY A 197 -13.52 7.21 5.76
N PHE A 198 -12.46 7.44 6.53
CA PHE A 198 -12.65 8.00 7.87
C PHE A 198 -12.62 9.51 7.89
N ALA A 199 -11.74 10.08 7.06
CA ALA A 199 -11.59 11.52 6.95
C ALA A 199 -10.68 11.80 5.77
N ILE A 200 -10.58 13.06 5.37
CA ILE A 200 -9.71 13.43 4.28
C ILE A 200 -8.55 14.19 4.93
N VAL A 201 -7.35 13.62 4.82
CA VAL A 201 -6.17 14.22 5.44
C VAL A 201 -5.53 15.31 4.59
N SER A 202 -5.44 16.50 5.15
CA SER A 202 -4.84 17.64 4.48
C SER A 202 -3.34 17.65 4.73
N GLU A 203 -2.96 17.31 5.96
CA GLU A 203 -1.55 17.29 6.35
C GLU A 203 -1.26 16.19 7.36
N PHE A 204 -0.15 15.49 7.16
CA PHE A 204 0.30 14.43 8.06
C PHE A 204 1.50 14.97 8.83
N GLU A 205 1.67 14.52 10.06
CA GLU A 205 2.80 14.93 10.89
C GLU A 205 3.53 13.64 11.23
N PHE A 206 4.79 13.56 10.81
CA PHE A 206 5.62 12.38 11.00
C PHE A 206 6.90 12.58 11.77
N ASN A 207 7.26 11.58 12.57
CA ASN A 207 8.53 11.59 13.27
C ASN A 207 9.40 11.03 12.15
N THR A 208 10.71 11.22 12.21
CA THR A 208 11.58 10.69 11.17
C THR A 208 12.84 10.15 11.82
N PHE A 209 13.59 9.36 11.06
CA PHE A 209 14.85 8.84 11.55
C PHE A 209 15.95 9.37 10.63
N GLU A 210 17.18 9.41 11.13
CA GLU A 210 18.29 9.91 10.32
C GLU A 210 18.57 8.95 9.17
N ALA A 211 18.74 9.50 7.96
CA ALA A 211 19.04 8.66 6.82
C ALA A 211 20.27 7.84 7.19
N PRO A 212 20.19 6.51 7.12
CA PRO A 212 21.33 5.66 7.47
C PRO A 212 22.56 5.99 6.64
N GLU A 213 23.73 5.94 7.27
CA GLU A 213 24.98 6.25 6.58
C GLU A 213 25.30 5.20 5.53
N ILE A 214 24.87 3.96 5.78
CA ILE A 214 25.13 2.89 4.84
C ILE A 214 23.99 1.88 4.76
N ILE A 215 23.70 1.47 3.53
CA ILE A 215 22.65 0.48 3.27
C ILE A 215 23.22 -0.49 2.25
N THR A 216 23.10 -1.78 2.50
CA THR A 216 23.59 -2.76 1.56
C THR A 216 22.39 -3.46 0.93
N THR A 217 22.24 -3.32 -0.38
CA THR A 217 21.14 -3.97 -1.08
C THR A 217 21.68 -5.31 -1.58
N TYR A 218 20.81 -6.31 -1.65
CA TYR A 218 21.27 -7.62 -2.09
C TYR A 218 20.19 -8.41 -2.81
N GLN A 219 20.60 -9.49 -3.44
CA GLN A 219 19.71 -10.38 -4.15
C GLN A 219 20.36 -11.76 -4.17
N VAL A 220 19.54 -12.79 -3.94
CA VAL A 220 20.01 -14.16 -3.98
C VAL A 220 19.18 -14.84 -5.06
N THR A 221 19.85 -15.45 -6.02
CA THR A 221 19.17 -16.13 -7.10
C THR A 221 19.22 -17.64 -6.90
N THR A 222 18.05 -18.27 -6.85
CA THR A 222 18.01 -19.71 -6.64
C THR A 222 17.78 -20.46 -7.95
N THR A 223 18.10 -21.74 -7.92
CA THR A 223 17.89 -22.64 -9.05
C THR A 223 17.29 -23.84 -8.33
N TRP A 224 16.03 -23.70 -7.94
CA TRP A 224 15.31 -24.72 -7.20
C TRP A 224 14.22 -25.44 -7.96
N ASN A 225 14.20 -26.77 -7.84
CA ASN A 225 13.15 -27.56 -8.47
C ASN A 225 11.99 -27.54 -7.48
N ARG A 226 10.95 -28.32 -7.75
CA ARG A 226 9.78 -28.37 -6.87
C ARG A 226 10.12 -28.72 -5.42
N LYS A 227 10.80 -29.83 -5.23
CA LYS A 227 11.19 -30.30 -3.89
C LYS A 227 12.08 -29.29 -3.17
N GLN A 228 12.98 -28.67 -3.90
CA GLN A 228 13.89 -27.69 -3.31
C GLN A 228 13.17 -26.41 -2.92
N HIS A 229 12.11 -26.08 -3.65
CA HIS A 229 11.32 -24.89 -3.33
C HIS A 229 10.75 -25.09 -1.93
N VAL A 230 10.13 -26.25 -1.73
CA VAL A 230 9.52 -26.58 -0.45
C VAL A 230 10.51 -26.60 0.71
N ALA A 231 11.64 -27.29 0.53
CA ALA A 231 12.64 -27.36 1.58
C ALA A 231 13.24 -25.98 1.85
N GLY A 232 13.43 -25.20 0.80
CA GLY A 232 13.98 -23.88 0.96
C GLY A 232 13.05 -22.95 1.71
N LEU A 233 11.77 -23.00 1.36
CA LEU A 233 10.78 -22.16 2.02
C LEU A 233 10.63 -22.54 3.49
N LYS A 234 10.70 -23.83 3.80
CA LYS A 234 10.59 -24.27 5.19
C LYS A 234 11.76 -23.72 6.00
N ALA A 235 12.96 -23.75 5.43
CA ALA A 235 14.15 -23.24 6.11
C ALA A 235 14.05 -21.73 6.32
N LEU A 236 13.65 -21.03 5.27
CA LEU A 236 13.51 -19.57 5.36
C LEU A 236 12.46 -19.18 6.39
N GLN A 237 11.43 -20.01 6.55
CA GLN A 237 10.38 -19.71 7.50
C GLN A 237 10.88 -19.80 8.94
N ASP A 238 11.63 -20.86 9.26
CA ASP A 238 12.17 -21.00 10.59
C ASP A 238 13.11 -19.84 10.89
N TRP A 239 13.92 -19.50 9.89
CA TRP A 239 14.89 -18.42 10.00
C TRP A 239 14.18 -17.07 10.21
N ALA A 240 13.13 -16.84 9.43
CA ALA A 240 12.38 -15.60 9.52
C ALA A 240 11.79 -15.40 10.92
N GLN A 241 11.26 -16.47 11.48
CA GLN A 241 10.64 -16.40 12.80
C GLN A 241 11.61 -16.33 13.97
N ASN A 242 12.71 -17.07 13.91
CA ASN A 242 13.65 -17.12 15.03
C ASN A 242 15.04 -16.50 14.90
N THR A 243 15.48 -16.17 13.69
CA THR A 243 16.83 -15.66 13.54
C THR A 243 17.01 -14.33 12.80
N MET A 244 16.30 -14.17 11.69
CA MET A 244 16.41 -12.95 10.89
C MET A 244 16.56 -11.70 11.75
N PRO A 245 17.69 -10.99 11.61
CA PRO A 245 18.02 -9.77 12.36
C PRO A 245 17.12 -8.57 12.07
N ARG A 246 16.99 -7.70 13.06
CA ARG A 246 16.18 -6.50 12.94
C ARG A 246 16.55 -5.64 11.73
N GLU A 247 17.85 -5.41 11.53
CA GLU A 247 18.31 -4.56 10.44
C GLU A 247 18.32 -5.16 9.03
N LEU A 248 17.69 -6.30 8.86
CA LEU A 248 17.63 -6.94 7.55
C LEU A 248 16.19 -7.08 7.09
N SER A 249 15.94 -6.80 5.82
CA SER A 249 14.62 -6.98 5.25
C SER A 249 14.79 -7.97 4.12
N MET A 250 13.72 -8.69 3.80
CA MET A 250 13.77 -9.67 2.73
C MET A 250 12.40 -9.95 2.16
N ARG A 251 12.36 -10.21 0.87
CA ARG A 251 11.13 -10.59 0.19
C ARG A 251 11.58 -11.52 -0.92
N LEU A 252 10.74 -12.46 -1.28
CA LEU A 252 11.08 -13.38 -2.35
C LEU A 252 10.31 -12.96 -3.59
N GLU A 253 11.03 -12.77 -4.69
CA GLU A 253 10.40 -12.41 -5.95
C GLU A 253 10.19 -13.75 -6.64
N ILE A 254 8.93 -14.08 -6.88
CA ILE A 254 8.58 -15.37 -7.48
C ILE A 254 7.79 -15.25 -8.78
N ASN A 255 8.17 -16.05 -9.75
CA ASN A 255 7.46 -16.10 -11.03
C ASN A 255 7.55 -17.53 -11.54
N ALA A 256 7.05 -17.77 -12.75
CA ALA A 256 7.04 -19.11 -13.31
C ALA A 256 8.39 -19.82 -13.40
N ASN A 257 9.47 -19.07 -13.56
CA ASN A 257 10.78 -19.71 -13.68
C ASN A 257 11.85 -19.25 -12.71
N ALA A 258 11.47 -18.53 -11.67
CA ALA A 258 12.46 -18.05 -10.72
C ALA A 258 11.92 -17.79 -9.33
N LEU A 259 12.86 -17.74 -8.38
CA LEU A 259 12.57 -17.43 -7.00
C LEU A 259 13.86 -16.79 -6.53
N ASN A 260 13.80 -15.48 -6.29
CA ASN A 260 14.97 -14.74 -5.85
C ASN A 260 14.70 -14.02 -4.55
N TRP A 261 15.69 -14.01 -3.66
CA TRP A 261 15.54 -13.29 -2.41
C TRP A 261 16.13 -11.91 -2.66
N GLU A 262 15.55 -10.88 -2.07
CA GLU A 262 16.09 -9.54 -2.24
C GLU A 262 15.69 -8.65 -1.07
N GLY A 263 16.50 -7.63 -0.80
CA GLY A 263 16.20 -6.74 0.30
C GLY A 263 17.31 -5.77 0.64
N ASN A 264 17.16 -5.10 1.77
CA ASN A 264 18.14 -4.13 2.23
C ASN A 264 18.68 -4.55 3.59
N PHE A 265 19.90 -4.12 3.88
CA PHE A 265 20.54 -4.42 5.15
C PHE A 265 21.09 -3.10 5.66
N PHE A 266 20.64 -2.69 6.84
CA PHE A 266 21.11 -1.44 7.43
C PHE A 266 22.45 -1.74 8.09
N GLY A 267 23.46 -1.94 7.25
CA GLY A 267 24.79 -2.28 7.71
C GLY A 267 25.69 -2.48 6.51
N ASN A 268 26.89 -3.01 6.72
CA ASN A 268 27.83 -3.22 5.63
C ASN A 268 27.74 -4.60 4.97
N ALA A 269 28.33 -4.71 3.78
CA ALA A 269 28.29 -5.94 3.00
C ALA A 269 28.94 -7.15 3.66
N LYS A 270 30.09 -6.95 4.30
CA LYS A 270 30.77 -8.06 4.95
C LYS A 270 29.89 -8.69 6.03
N ASP A 271 29.21 -7.86 6.81
CA ASP A 271 28.32 -8.37 7.85
C ASP A 271 27.11 -9.08 7.23
N LEU A 272 26.59 -8.51 6.15
CA LEU A 272 25.43 -9.10 5.50
C LEU A 272 25.74 -10.50 4.96
N LYS A 273 26.89 -10.66 4.32
CA LYS A 273 27.26 -11.96 3.76
C LYS A 273 27.36 -13.03 4.84
N LYS A 274 27.78 -12.64 6.04
CA LYS A 274 27.92 -13.59 7.13
C LYS A 274 26.55 -14.06 7.61
N ILE A 275 25.52 -13.26 7.34
CA ILE A 275 24.16 -13.59 7.73
C ILE A 275 23.53 -14.46 6.65
N LEU A 276 23.74 -14.08 5.39
CA LEU A 276 23.17 -14.81 4.25
C LEU A 276 23.76 -16.19 4.03
N GLN A 277 25.07 -16.34 4.22
CA GLN A 277 25.72 -17.62 4.01
C GLN A 277 25.09 -18.78 4.77
N PRO A 278 24.89 -18.63 6.09
CA PRO A 278 24.28 -19.70 6.88
C PRO A 278 22.90 -20.11 6.38
N ILE A 279 22.01 -19.12 6.19
CA ILE A 279 20.67 -19.43 5.72
C ILE A 279 20.66 -19.97 4.29
N MET A 280 21.59 -19.52 3.46
CA MET A 280 21.65 -20.03 2.10
C MET A 280 21.97 -21.52 2.17
N LYS A 281 22.84 -21.89 3.10
CA LYS A 281 23.22 -23.29 3.28
C LYS A 281 22.04 -24.09 3.83
N LYS A 282 21.40 -23.56 4.87
CA LYS A 282 20.26 -24.22 5.49
C LYS A 282 19.10 -24.40 4.51
N ALA A 283 18.96 -23.45 3.59
CA ALA A 283 17.88 -23.53 2.60
C ALA A 283 18.15 -24.55 1.50
N GLY A 284 19.27 -25.25 1.60
CA GLY A 284 19.58 -26.28 0.61
C GLY A 284 20.48 -25.88 -0.53
N GLY A 285 21.25 -24.80 -0.35
CA GLY A 285 22.15 -24.35 -1.39
C GLY A 285 21.43 -24.11 -2.72
N LYS A 286 22.06 -24.50 -3.81
CA LYS A 286 21.47 -24.32 -5.14
C LYS A 286 21.08 -22.86 -5.34
N SER A 287 21.97 -21.97 -4.91
CA SER A 287 21.71 -20.53 -5.03
C SER A 287 23.01 -19.75 -4.92
N THR A 288 22.96 -18.48 -5.28
CA THR A 288 24.15 -17.64 -5.18
C THR A 288 23.73 -16.19 -5.03
N ILE A 289 24.63 -15.39 -4.47
CA ILE A 289 24.38 -13.96 -4.29
C ILE A 289 24.56 -13.36 -5.68
N SER A 290 23.52 -12.69 -6.17
CA SER A 290 23.54 -12.08 -7.49
C SER A 290 23.61 -10.56 -7.47
N LYS A 291 23.49 -10.00 -6.27
CA LYS A 291 23.59 -8.55 -6.07
C LYS A 291 24.03 -8.35 -4.63
N LEU A 292 25.00 -7.47 -4.43
CA LEU A 292 25.51 -7.17 -3.10
C LEU A 292 26.27 -5.86 -3.22
N VAL A 293 25.64 -4.75 -2.87
CA VAL A 293 26.32 -3.49 -2.98
C VAL A 293 25.98 -2.50 -1.87
N GLU A 294 27.00 -1.80 -1.40
CA GLU A 294 26.83 -0.81 -0.37
C GLU A 294 26.53 0.53 -1.01
N THR A 295 25.57 1.24 -0.45
CA THR A 295 25.17 2.53 -0.97
C THR A 295 24.60 3.32 0.19
N ASP A 296 23.91 4.42 -0.10
CA ASP A 296 23.30 5.22 0.95
C ASP A 296 21.79 5.23 0.77
N TRP A 297 21.08 6.05 1.55
CA TRP A 297 19.63 6.10 1.46
C TRP A 297 19.14 6.43 0.05
N TYR A 298 19.69 7.49 -0.52
CA TYR A 298 19.32 7.91 -1.87
C TYR A 298 19.54 6.73 -2.82
N GLY A 299 20.66 6.04 -2.63
CA GLY A 299 21.00 4.90 -3.46
C GLY A 299 20.00 3.75 -3.42
N GLN A 300 19.56 3.36 -2.23
CA GLN A 300 18.62 2.25 -2.13
C GLN A 300 17.28 2.64 -2.73
N ILE A 301 16.87 3.89 -2.52
CA ILE A 301 15.61 4.36 -3.08
C ILE A 301 15.66 4.20 -4.59
N ASN A 302 16.78 4.61 -5.19
CA ASN A 302 16.94 4.51 -6.64
C ASN A 302 17.17 3.10 -7.14
N THR A 303 17.22 2.14 -6.22
CA THR A 303 17.44 0.75 -6.59
C THR A 303 16.13 0.05 -6.94
N TYR A 304 15.02 0.56 -6.41
CA TYR A 304 13.72 -0.07 -6.65
C TYR A 304 12.68 0.83 -7.32
N LEU A 305 13.08 1.59 -8.32
CA LEU A 305 12.15 2.47 -9.03
C LEU A 305 11.52 1.74 -10.21
N TYR A 306 12.26 0.79 -10.75
CA TYR A 306 11.81 -0.01 -11.89
C TYR A 306 11.34 0.84 -13.07
N GLY A 307 12.15 1.82 -13.43
CA GLY A 307 11.82 2.67 -14.57
C GLY A 307 10.98 3.89 -14.27
N ALA A 308 10.33 3.92 -13.10
CA ALA A 308 9.49 5.06 -12.74
C ALA A 308 10.33 6.30 -12.42
N ASP A 309 9.75 7.48 -12.66
CA ASP A 309 10.45 8.72 -12.35
C ASP A 309 10.49 8.86 -10.84
N LEU A 310 11.61 9.34 -10.32
CA LEU A 310 11.75 9.50 -8.87
C LEU A 310 10.99 10.70 -8.32
N ASN A 311 11.11 11.84 -8.98
CA ASN A 311 10.46 13.06 -8.52
C ASN A 311 9.13 13.32 -9.23
N ILE A 312 8.05 12.81 -8.65
CA ILE A 312 6.72 12.97 -9.22
C ILE A 312 5.80 13.78 -8.31
N THR A 313 5.10 14.75 -8.89
CA THR A 313 4.17 15.55 -8.13
C THR A 313 2.78 15.53 -8.77
N TYR A 314 2.38 16.59 -9.45
CA TYR A 314 1.05 16.63 -10.05
C TYR A 314 0.99 16.31 -11.54
N ASN A 315 2.14 16.05 -12.14
CA ASN A 315 2.20 15.69 -13.55
C ASN A 315 2.40 14.17 -13.62
N TYR A 316 1.31 13.43 -13.50
CA TYR A 316 1.38 11.97 -13.52
C TYR A 316 0.31 11.34 -14.42
N ASP A 317 0.74 10.49 -15.34
CA ASP A 317 -0.20 9.84 -16.25
C ASP A 317 0.27 8.46 -16.67
N VAL A 318 0.61 7.63 -15.70
CA VAL A 318 1.07 6.27 -15.95
C VAL A 318 -0.07 5.28 -15.71
N HIS A 319 -0.13 4.23 -16.53
CA HIS A 319 -1.18 3.23 -16.39
C HIS A 319 -0.74 1.81 -16.66
N GLU A 320 -1.51 0.86 -16.13
CA GLU A 320 -1.28 -0.56 -16.30
C GLU A 320 -2.65 -1.23 -16.38
N TYR A 321 -2.66 -2.52 -16.71
CA TYR A 321 -3.90 -3.28 -16.78
C TYR A 321 -3.57 -4.58 -16.07
N PHE A 322 -4.14 -4.79 -14.89
CA PHE A 322 -3.82 -5.97 -14.11
C PHE A 322 -4.87 -6.32 -13.06
N TYR A 323 -4.70 -7.50 -12.47
CA TYR A 323 -5.54 -7.95 -11.37
C TYR A 323 -4.57 -8.37 -10.27
N ALA A 324 -4.73 -7.80 -9.09
CA ALA A 324 -3.85 -8.13 -7.98
C ALA A 324 -4.60 -8.76 -6.83
N ASN A 325 -3.85 -9.33 -5.88
CA ASN A 325 -4.44 -9.92 -4.71
C ASN A 325 -3.37 -9.92 -3.63
N SER A 326 -3.76 -10.25 -2.41
CA SER A 326 -2.81 -10.27 -1.32
C SER A 326 -3.26 -11.27 -0.27
N LEU A 327 -2.42 -11.45 0.75
CA LEU A 327 -2.69 -12.39 1.82
C LEU A 327 -1.73 -12.13 2.97
N THR A 328 -2.19 -12.40 4.19
CA THR A 328 -1.33 -12.30 5.36
C THR A 328 -1.61 -13.61 6.07
N ALA A 329 -0.60 -14.17 6.72
CA ALA A 329 -0.80 -15.44 7.40
C ALA A 329 0.25 -15.71 8.45
N PRO A 330 -0.05 -16.63 9.38
CA PRO A 330 0.89 -16.98 10.43
C PRO A 330 1.86 -18.00 9.84
N ARG A 331 2.70 -18.59 10.68
CA ARG A 331 3.64 -19.61 10.24
C ARG A 331 2.80 -20.65 9.48
N LEU A 332 3.35 -21.16 8.38
CA LEU A 332 2.64 -22.13 7.54
C LEU A 332 3.04 -23.58 7.74
N SER A 333 2.08 -24.48 7.51
CA SER A 333 2.35 -25.92 7.63
C SER A 333 2.90 -26.36 6.27
N ASP A 334 3.38 -27.59 6.20
CA ASP A 334 3.92 -28.12 4.96
C ASP A 334 2.86 -28.16 3.87
N GLU A 335 1.59 -28.30 4.26
CA GLU A 335 0.54 -28.36 3.25
C GLU A 335 0.45 -27.05 2.47
N ALA A 336 0.49 -25.94 3.19
CA ALA A 336 0.41 -24.62 2.55
C ALA A 336 1.59 -24.40 1.62
N ILE A 337 2.79 -24.69 2.11
CA ILE A 337 3.99 -24.50 1.32
C ILE A 337 3.99 -25.43 0.10
N GLN A 338 3.69 -26.70 0.31
CA GLN A 338 3.67 -27.65 -0.79
C GLN A 338 2.64 -27.29 -1.85
N ALA A 339 1.45 -26.89 -1.41
CA ALA A 339 0.38 -26.52 -2.33
C ALA A 339 0.74 -25.27 -3.14
N PHE A 340 1.37 -24.30 -2.48
CA PHE A 340 1.78 -23.07 -3.15
C PHE A 340 2.78 -23.42 -4.25
N VAL A 341 3.77 -24.21 -3.89
CA VAL A 341 4.80 -24.62 -4.84
C VAL A 341 4.20 -25.43 -5.98
N ASP A 342 3.33 -26.39 -5.66
CA ASP A 342 2.69 -27.19 -6.69
C ASP A 342 1.93 -26.31 -7.68
N TYR A 343 1.30 -25.26 -7.16
CA TYR A 343 0.54 -24.35 -8.00
C TYR A 343 1.45 -23.61 -8.97
N LYS A 344 2.61 -23.18 -8.49
CA LYS A 344 3.56 -22.49 -9.35
C LYS A 344 4.01 -23.40 -10.48
N PHE A 345 4.32 -24.64 -10.13
CA PHE A 345 4.79 -25.59 -11.12
C PHE A 345 3.74 -26.16 -12.06
N ASP A 346 2.53 -26.36 -11.56
CA ASP A 346 1.49 -26.98 -12.38
C ASP A 346 0.33 -26.13 -12.87
N ASN A 347 0.10 -24.96 -12.27
CA ASN A 347 -1.04 -24.15 -12.68
C ASN A 347 -0.77 -22.69 -13.00
N SER A 348 0.47 -22.36 -13.35
CA SER A 348 0.80 -20.96 -13.62
C SER A 348 1.11 -20.62 -15.07
N SER A 349 0.65 -21.43 -16.00
CA SER A 349 0.91 -21.14 -17.40
C SER A 349 -0.04 -20.07 -17.93
N VAL A 350 0.50 -19.04 -18.54
CA VAL A 350 -0.30 -17.95 -19.09
C VAL A 350 0.11 -17.66 -20.53
N ARG A 351 -0.82 -17.09 -21.29
CA ARG A 351 -0.57 -16.77 -22.70
C ARG A 351 0.50 -15.70 -22.88
N PRO A 352 1.12 -15.66 -24.07
CA PRO A 352 2.14 -14.63 -24.27
C PRO A 352 1.41 -13.28 -24.23
N GLY A 353 2.01 -12.30 -23.57
CA GLY A 353 1.37 -11.00 -23.47
C GLY A 353 0.81 -10.84 -22.07
N ARG A 354 0.78 -11.95 -21.33
CA ARG A 354 0.30 -11.98 -19.96
C ARG A 354 1.48 -12.46 -19.11
N GLY A 355 1.58 -11.94 -17.90
CA GLY A 355 2.68 -12.33 -17.03
C GLY A 355 2.27 -12.16 -15.59
N TRP A 356 2.93 -12.89 -14.71
CA TRP A 356 2.60 -12.79 -13.30
C TRP A 356 3.83 -12.88 -12.41
N TRP A 357 3.67 -12.40 -11.18
CA TRP A 357 4.73 -12.47 -10.20
C TRP A 357 4.10 -12.38 -8.82
N ILE A 358 4.86 -12.84 -7.83
CA ILE A 358 4.42 -12.85 -6.45
C ILE A 358 5.57 -12.41 -5.58
N GLN A 359 5.27 -11.66 -4.54
CA GLN A 359 6.28 -11.23 -3.59
C GLN A 359 5.90 -11.87 -2.27
N TRP A 360 6.86 -12.60 -1.70
CA TRP A 360 6.70 -13.30 -0.43
C TRP A 360 7.47 -12.43 0.55
N ASP A 361 6.74 -11.61 1.31
CA ASP A 361 7.35 -10.68 2.25
C ASP A 361 7.58 -11.17 3.69
N PHE A 362 8.80 -10.93 4.17
CA PHE A 362 9.19 -11.31 5.54
C PHE A 362 8.71 -10.16 6.43
N HIS A 363 7.40 -10.18 6.63
CA HIS A 363 6.60 -9.18 7.34
C HIS A 363 6.71 -9.17 8.87
N GLY A 364 6.49 -10.32 9.50
CA GLY A 364 6.58 -10.41 10.94
C GLY A 364 7.84 -11.11 11.40
N GLY A 365 7.76 -11.79 12.54
CA GLY A 365 8.92 -12.49 13.06
C GLY A 365 9.42 -11.86 14.36
N LYS A 366 10.20 -12.63 15.11
CA LYS A 366 10.73 -12.19 16.39
C LYS A 366 11.41 -10.83 16.37
N ASN A 367 12.26 -10.60 15.37
CA ASN A 367 12.98 -9.34 15.28
C ASN A 367 12.44 -8.32 14.31
N SER A 368 11.20 -8.50 13.88
CA SER A 368 10.58 -7.53 12.97
C SER A 368 10.02 -6.38 13.78
N ALA A 369 10.42 -5.16 13.45
CA ALA A 369 9.93 -3.99 14.16
C ALA A 369 8.41 -3.89 14.04
N LEU A 370 7.90 -4.30 12.88
CA LEU A 370 6.46 -4.26 12.67
C LEU A 370 5.75 -5.06 13.73
N ALA A 371 6.33 -6.22 14.06
CA ALA A 371 5.76 -7.12 15.06
C ALA A 371 6.00 -6.68 16.50
N ALA A 372 6.71 -5.57 16.69
CA ALA A 372 6.99 -5.07 18.03
C ALA A 372 5.81 -4.24 18.53
N VAL A 373 4.85 -4.01 17.64
CA VAL A 373 3.65 -3.25 17.94
C VAL A 373 2.49 -4.23 17.98
N SER A 374 1.61 -4.12 18.97
CA SER A 374 0.49 -5.04 19.06
C SER A 374 -0.67 -4.63 18.17
N ASN A 375 -1.56 -5.58 17.90
CA ASN A 375 -2.73 -5.33 17.07
C ASN A 375 -3.64 -4.28 17.69
N ASP A 376 -3.50 -4.03 19.00
CA ASP A 376 -4.33 -3.06 19.68
C ASP A 376 -3.81 -1.63 19.61
N GLU A 377 -2.52 -1.46 19.31
CA GLU A 377 -1.90 -0.14 19.27
C GLU A 377 -2.24 0.78 18.11
N THR A 378 -2.55 0.21 16.95
CA THR A 378 -2.95 1.00 15.78
C THR A 378 -4.02 0.16 15.11
N ALA A 379 -4.68 0.71 14.09
CA ALA A 379 -5.71 -0.03 13.39
C ALA A 379 -5.14 -1.20 12.57
N TYR A 380 -3.85 -1.17 12.26
CA TYR A 380 -3.25 -2.25 11.49
C TYR A 380 -3.54 -3.53 12.27
N ALA A 381 -4.09 -4.53 11.60
CA ALA A 381 -4.50 -5.76 12.27
C ALA A 381 -3.73 -7.02 11.94
N HIS A 382 -2.55 -6.87 11.35
CA HIS A 382 -1.77 -8.05 10.98
C HIS A 382 -0.43 -8.16 11.69
N ARG A 383 -0.32 -7.56 12.87
CA ARG A 383 0.93 -7.57 13.63
C ARG A 383 1.29 -8.98 14.08
N ASP A 384 0.29 -9.86 14.09
CA ASP A 384 0.47 -11.24 14.52
C ASP A 384 0.79 -12.19 13.36
N GLN A 385 0.82 -11.65 12.15
CA GLN A 385 1.09 -12.44 10.95
C GLN A 385 2.56 -12.40 10.54
N LEU A 386 3.15 -13.57 10.35
CA LEU A 386 4.55 -13.67 9.95
C LEU A 386 4.75 -13.28 8.49
N TRP A 387 3.76 -13.62 7.66
CA TRP A 387 3.87 -13.38 6.22
C TRP A 387 2.85 -12.44 5.59
N LEU A 388 3.31 -11.79 4.51
CA LEU A 388 2.52 -10.89 3.69
C LEU A 388 2.86 -11.27 2.25
N TRP A 389 1.86 -11.34 1.39
CA TRP A 389 2.09 -11.66 -0.02
C TRP A 389 1.38 -10.69 -0.93
N GLN A 390 1.97 -10.46 -2.10
CA GLN A 390 1.36 -9.65 -3.13
C GLN A 390 1.32 -10.58 -4.34
N PHE A 391 0.16 -10.67 -4.97
CA PHE A 391 -0.02 -11.50 -6.18
C PHE A 391 -0.34 -10.50 -7.29
N TYR A 392 0.35 -10.62 -8.42
CA TYR A 392 0.14 -9.66 -9.51
C TYR A 392 -0.02 -10.39 -10.84
N ASP A 393 -1.16 -10.17 -11.49
CA ASP A 393 -1.50 -10.77 -12.78
C ASP A 393 -1.58 -9.64 -13.81
N SER A 394 -0.54 -9.50 -14.63
CA SER A 394 -0.47 -8.44 -15.63
C SER A 394 -0.79 -8.82 -17.07
N ILE A 395 -1.42 -7.89 -17.77
CA ILE A 395 -1.72 -8.04 -19.19
C ILE A 395 -0.85 -6.97 -19.81
N TYR A 396 0.23 -7.38 -20.46
CA TYR A 396 1.16 -6.44 -21.07
C TYR A 396 0.66 -5.81 -22.37
N ASP A 397 0.00 -6.60 -23.19
CA ASP A 397 -0.52 -6.13 -24.47
C ASP A 397 -2.00 -5.79 -24.37
N TYR A 398 -2.38 -5.16 -23.25
CA TYR A 398 -3.77 -4.79 -22.99
C TYR A 398 -4.41 -3.88 -24.03
N GLU A 399 -3.61 -3.06 -24.70
CA GLU A 399 -4.15 -2.15 -25.70
C GLU A 399 -4.65 -2.93 -26.91
N ASN A 400 -4.13 -4.14 -27.10
CA ASN A 400 -4.52 -4.98 -28.21
C ASN A 400 -5.44 -6.12 -27.79
N ASN A 401 -5.18 -6.69 -26.62
CA ASN A 401 -5.98 -7.81 -26.11
C ASN A 401 -5.91 -7.91 -24.60
N THR A 402 -7.07 -7.92 -23.96
CA THR A 402 -7.15 -8.01 -22.50
C THR A 402 -7.53 -9.40 -22.00
N SER A 403 -7.87 -10.30 -22.93
CA SER A 403 -8.26 -11.66 -22.57
C SER A 403 -7.28 -12.26 -21.56
N PRO A 404 -7.78 -13.04 -20.60
CA PRO A 404 -9.18 -13.40 -20.39
C PRO A 404 -10.06 -12.32 -19.77
N TYR A 405 -9.44 -11.21 -19.36
CA TYR A 405 -10.19 -10.12 -18.74
C TYR A 405 -10.99 -9.35 -19.80
N PRO A 406 -12.05 -8.65 -19.38
CA PRO A 406 -12.54 -8.54 -17.99
C PRO A 406 -13.45 -9.68 -17.54
N GLU A 407 -13.82 -10.56 -18.49
CA GLU A 407 -14.70 -11.68 -18.18
C GLU A 407 -14.17 -12.58 -17.07
N SER A 408 -12.96 -13.12 -17.27
CA SER A 408 -12.36 -14.01 -16.28
C SER A 408 -10.86 -13.84 -16.18
N GLY A 409 -10.23 -14.76 -15.45
CA GLY A 409 -8.79 -14.70 -15.25
C GLY A 409 -8.49 -14.64 -13.77
N PHE A 410 -9.44 -14.09 -13.02
CA PHE A 410 -9.32 -13.95 -11.56
C PHE A 410 -9.02 -15.26 -10.87
N GLU A 411 -9.57 -16.35 -11.40
CA GLU A 411 -9.39 -17.66 -10.80
C GLU A 411 -7.93 -18.11 -10.68
N PHE A 412 -7.06 -17.56 -11.52
CA PHE A 412 -5.65 -17.91 -11.45
C PHE A 412 -5.06 -17.49 -10.11
N MET A 413 -5.08 -16.19 -9.82
CA MET A 413 -4.54 -15.74 -8.55
C MET A 413 -5.39 -16.11 -7.34
N GLN A 414 -6.70 -16.23 -7.53
CA GLN A 414 -7.56 -16.61 -6.40
C GLN A 414 -7.17 -18.02 -5.98
N GLY A 415 -6.86 -18.87 -6.96
CA GLY A 415 -6.45 -20.23 -6.65
C GLY A 415 -5.08 -20.24 -6.01
N PHE A 416 -4.21 -19.34 -6.45
CA PHE A 416 -2.86 -19.22 -5.91
C PHE A 416 -2.93 -18.84 -4.44
N VAL A 417 -3.82 -17.89 -4.12
CA VAL A 417 -4.01 -17.45 -2.74
C VAL A 417 -4.56 -18.62 -1.90
N ALA A 418 -5.53 -19.32 -2.47
CA ALA A 418 -6.19 -20.44 -1.80
C ALA A 418 -5.25 -21.55 -1.35
N THR A 419 -4.18 -21.80 -2.09
CA THR A 419 -3.25 -22.85 -1.72
C THR A 419 -2.79 -22.67 -0.27
N ILE A 420 -2.64 -21.42 0.15
CA ILE A 420 -2.20 -21.12 1.51
C ILE A 420 -3.38 -20.76 2.42
N GLU A 421 -4.26 -19.89 1.95
CA GLU A 421 -5.40 -19.47 2.76
C GLU A 421 -6.29 -20.61 3.25
N ASP A 422 -6.53 -21.60 2.41
CA ASP A 422 -7.39 -22.72 2.78
C ASP A 422 -6.87 -23.51 3.99
N THR A 423 -5.59 -23.39 4.29
CA THR A 423 -4.99 -24.12 5.41
C THR A 423 -5.06 -23.37 6.74
N LEU A 424 -5.57 -22.14 6.71
CA LEU A 424 -5.63 -21.32 7.92
C LEU A 424 -6.94 -21.29 8.67
N PRO A 425 -6.88 -21.11 10.00
CA PRO A 425 -8.12 -21.05 10.78
C PRO A 425 -8.79 -19.78 10.23
N GLU A 426 -10.12 -19.75 10.21
CA GLU A 426 -10.83 -18.59 9.68
C GLU A 426 -10.35 -17.25 10.21
N ASP A 427 -10.09 -17.16 11.51
CA ASP A 427 -9.66 -15.90 12.11
C ASP A 427 -8.26 -15.43 11.70
N ARG A 428 -7.47 -16.33 11.13
CA ARG A 428 -6.11 -15.95 10.72
C ARG A 428 -6.02 -15.60 9.23
N LYS A 429 -7.13 -15.69 8.52
CA LYS A 429 -7.14 -15.35 7.11
C LYS A 429 -7.17 -13.83 6.94
N GLY A 430 -6.20 -13.29 6.22
CA GLY A 430 -6.19 -11.86 6.03
C GLY A 430 -5.69 -11.40 4.68
N LYS A 431 -5.87 -10.11 4.43
CA LYS A 431 -5.39 -9.47 3.21
C LYS A 431 -4.91 -8.09 3.61
N TYR A 432 -4.09 -7.49 2.77
CA TYR A 432 -3.51 -6.18 3.03
C TYR A 432 -4.23 -5.17 2.12
N PHE A 433 -4.93 -4.22 2.73
CA PHE A 433 -5.69 -3.25 1.96
C PHE A 433 -4.89 -2.53 0.89
N ASN A 434 -3.61 -2.25 1.14
CA ASN A 434 -2.82 -1.54 0.13
C ASN A 434 -2.59 -2.38 -1.12
N TYR A 435 -2.81 -3.70 -1.03
CA TYR A 435 -2.68 -4.60 -2.18
C TYR A 435 -4.08 -5.20 -2.31
N ALA A 436 -5.04 -4.35 -2.69
CA ALA A 436 -6.44 -4.74 -2.78
C ALA A 436 -6.87 -5.76 -3.82
N ASP A 437 -7.83 -6.60 -3.41
CA ASP A 437 -8.44 -7.64 -4.25
C ASP A 437 -9.83 -7.10 -4.61
N THR A 438 -10.01 -6.69 -5.86
CA THR A 438 -11.28 -6.13 -6.30
C THR A 438 -12.46 -7.09 -6.40
N THR A 439 -12.21 -8.39 -6.28
CA THR A 439 -13.30 -9.36 -6.38
C THR A 439 -14.06 -9.55 -5.07
N LEU A 440 -13.56 -8.96 -3.99
CA LEU A 440 -14.21 -9.11 -2.68
C LEU A 440 -15.46 -8.27 -2.47
N THR A 441 -16.37 -8.78 -1.64
CA THR A 441 -17.58 -8.05 -1.29
C THR A 441 -17.15 -7.14 -0.14
N LYS A 442 -17.97 -6.14 0.18
CA LYS A 442 -17.64 -5.24 1.28
C LYS A 442 -17.54 -5.98 2.60
N GLU A 443 -18.42 -6.96 2.81
CA GLU A 443 -18.38 -7.73 4.04
C GLU A 443 -17.12 -8.58 4.15
N GLU A 444 -16.77 -9.28 3.07
CA GLU A 444 -15.57 -10.12 3.05
C GLU A 444 -14.32 -9.27 3.21
N ALA A 445 -14.26 -8.18 2.45
CA ALA A 445 -13.11 -7.28 2.47
C ALA A 445 -12.83 -6.75 3.87
N GLN A 446 -13.88 -6.29 4.56
CA GLN A 446 -13.70 -5.75 5.90
C GLN A 446 -13.08 -6.76 6.85
N LYS A 447 -13.57 -7.99 6.81
CA LYS A 447 -13.03 -9.01 7.71
C LYS A 447 -11.58 -9.39 7.40
N LEU A 448 -11.26 -9.51 6.12
CA LEU A 448 -9.91 -9.87 5.71
C LEU A 448 -8.90 -8.75 5.92
N TYR A 449 -9.29 -7.52 5.57
CA TYR A 449 -8.38 -6.39 5.71
C TYR A 449 -8.15 -5.91 7.14
N TRP A 450 -9.16 -6.00 7.99
CA TRP A 450 -9.03 -5.49 9.34
C TRP A 450 -9.23 -6.47 10.49
N ARG A 451 -9.51 -7.73 10.13
CA ARG A 451 -9.68 -8.81 11.09
C ARG A 451 -10.16 -8.46 12.50
N GLY A 452 -9.29 -8.65 13.49
CA GLY A 452 -9.66 -8.37 14.88
C GLY A 452 -9.96 -6.93 15.27
N ASN A 453 -9.62 -5.99 14.40
CA ASN A 453 -9.87 -4.58 14.68
C ASN A 453 -11.09 -4.03 13.97
N LEU A 454 -11.77 -4.87 13.19
CA LEU A 454 -12.93 -4.42 12.44
C LEU A 454 -14.07 -3.82 13.26
N GLU A 455 -14.49 -4.51 14.32
CA GLU A 455 -15.59 -3.98 15.13
C GLU A 455 -15.27 -2.61 15.72
N LYS A 456 -14.06 -2.43 16.22
CA LYS A 456 -13.67 -1.14 16.78
C LYS A 456 -13.66 -0.09 15.67
N LEU A 457 -13.13 -0.46 14.52
CA LEU A 457 -13.09 0.47 13.39
C LEU A 457 -14.48 0.89 12.95
N GLN A 458 -15.41 -0.06 12.93
CA GLN A 458 -16.77 0.25 12.53
C GLN A 458 -17.43 1.22 13.50
N ALA A 459 -17.10 1.09 14.79
CA ALA A 459 -17.67 1.98 15.80
C ALA A 459 -17.10 3.38 15.63
N ILE A 460 -15.81 3.47 15.32
CA ILE A 460 -15.17 4.77 15.11
C ILE A 460 -15.72 5.41 13.84
N LYS A 461 -15.96 4.59 12.82
CA LYS A 461 -16.53 5.06 11.55
C LYS A 461 -17.92 5.63 11.82
N ALA A 462 -18.70 4.94 12.67
CA ALA A 462 -20.05 5.39 13.00
C ALA A 462 -20.04 6.75 13.68
N LYS A 463 -18.99 7.02 14.46
CA LYS A 463 -18.87 8.28 15.16
C LYS A 463 -18.44 9.45 14.27
N TYR A 464 -17.45 9.20 13.42
CA TYR A 464 -16.93 10.26 12.54
C TYR A 464 -17.53 10.41 11.15
N ASP A 465 -18.13 9.36 10.61
CA ASP A 465 -18.77 9.46 9.30
C ASP A 465 -20.00 8.57 9.31
N PRO A 466 -20.97 8.91 10.17
CA PRO A 466 -22.21 8.13 10.29
C PRO A 466 -23.00 7.93 9.00
N GLU A 467 -22.91 8.89 8.09
CA GLU A 467 -23.65 8.79 6.83
C GLU A 467 -22.79 8.21 5.70
N ASP A 468 -21.62 7.70 6.05
CA ASP A 468 -20.71 7.08 5.08
C ASP A 468 -20.47 7.93 3.83
N VAL A 469 -20.24 9.22 4.04
CA VAL A 469 -19.99 10.13 2.93
C VAL A 469 -18.67 9.80 2.22
N PHE A 470 -17.68 9.34 2.98
CA PHE A 470 -16.36 9.03 2.40
C PHE A 470 -16.16 7.56 2.05
N GLY A 471 -17.19 6.74 2.18
CA GLY A 471 -17.01 5.33 1.90
C GLY A 471 -16.73 4.94 0.46
N ASN A 472 -16.10 3.79 0.29
CA ASN A 472 -15.84 3.24 -1.03
C ASN A 472 -16.47 1.84 -1.02
N VAL A 473 -16.35 1.10 -2.11
CA VAL A 473 -16.99 -0.21 -2.19
C VAL A 473 -16.52 -1.34 -1.27
N VAL A 474 -15.44 -1.12 -0.52
CA VAL A 474 -14.96 -2.16 0.39
C VAL A 474 -14.54 -1.61 1.75
N SER A 475 -14.78 -0.33 1.99
CA SER A 475 -14.37 0.31 3.24
C SER A 475 -15.18 -0.01 4.49
N VAL A 476 -14.59 0.31 5.64
CA VAL A 476 -15.22 0.09 6.94
C VAL A 476 -16.55 0.84 6.97
N GLU A 477 -17.60 0.13 7.37
CA GLU A 477 -18.94 0.70 7.44
C GLU A 477 -19.25 1.29 8.81
N PRO A 478 -20.18 2.27 8.86
CA PRO A 478 -20.53 2.87 10.15
C PRO A 478 -21.50 1.97 10.91
N ILE A 479 -20.96 1.25 11.90
CA ILE A 479 -21.78 0.36 12.72
C ILE A 479 -21.39 0.52 14.18
N ALA A 480 -22.27 1.15 14.95
CA ALA A 480 -22.03 1.38 16.38
C ALA A 480 -22.16 0.05 17.10
N TYR A 481 -21.44 -0.09 18.22
CA TYR A 481 -21.50 -1.32 18.99
C TYR A 481 -22.81 -1.42 19.76
C1 NAG B . 10.93 17.90 -7.93
C2 NAG B . 12.12 18.81 -7.70
C3 NAG B . 11.66 20.14 -7.09
C4 NAG B . 10.53 20.77 -7.93
C5 NAG B . 9.41 19.73 -8.17
C6 NAG B . 8.34 20.26 -9.09
C7 NAG B . 14.29 17.81 -7.21
C8 NAG B . 14.66 17.99 -8.67
N2 NAG B . 13.07 18.16 -6.80
O3 NAG B . 12.75 21.04 -7.02
O4 NAG B . 10.00 21.91 -7.27
O5 NAG B . 9.96 18.55 -8.77
O6 NAG B . 7.11 20.44 -8.40
O7 NAG B . 15.12 17.33 -6.44
C1 NAG C . -3.55 -27.68 -11.36
C2 NAG C . -5.06 -27.95 -11.37
C3 NAG C . -5.34 -29.43 -11.08
C4 NAG C . -4.55 -30.32 -12.06
C5 NAG C . -3.07 -29.93 -12.07
C6 NAG C . -2.32 -30.67 -13.15
C7 NAG C . -6.42 -26.03 -10.79
C8 NAG C . -7.31 -26.14 -12.01
N2 NAG C . -5.75 -27.11 -10.40
O3 NAG C . -6.72 -29.68 -11.21
O4 NAG C . -4.70 -31.68 -11.69
O5 NAG C . -2.91 -28.52 -12.33
O6 NAG C . -1.36 -31.57 -12.62
O7 NAG C . -6.34 -24.96 -10.19
ZN ZN D . -18.79 11.09 -16.75
ZN ZN E . -17.26 23.88 -20.54
ZN ZN F . 22.19 -7.08 13.87
ZN ZN G . -5.73 -29.02 4.10
PA FAD H . -5.22 6.36 -4.02
O1A FAD H . -5.79 5.37 -4.99
O2A FAD H . -5.08 7.77 -4.44
O5B FAD H . -6.03 6.30 -2.67
C5B FAD H . -5.96 5.17 -1.84
C4B FAD H . -7.00 5.17 -0.72
O4B FAD H . -6.81 5.88 0.53
C3B FAD H . -8.47 5.50 -0.93
O3B FAD H . -9.36 4.88 -0.03
C2B FAD H . -8.33 7.05 -0.78
O2B FAD H . -9.51 7.78 -0.58
C1B FAD H . -7.34 7.19 0.38
N9A FAD H . -6.44 8.34 0.41
C8A FAD H . -5.34 8.70 -0.31
N7A FAD H . -4.82 9.88 0.08
C5A FAD H . -5.66 10.29 1.12
C6A FAD H . -5.68 11.46 1.97
N6A FAD H . -4.77 12.44 1.87
N1A FAD H . -6.66 11.56 2.92
C2A FAD H . -7.58 10.57 3.03
N3A FAD H . -7.66 9.44 2.29
C4A FAD H . -6.62 9.38 1.32
N1 FAD H . 2.19 -0.43 -1.12
C2 FAD H . 3.08 -0.76 -0.15
O2 FAD H . 2.73 -0.95 1.05
N3 FAD H . 4.44 -0.85 -0.46
C4 FAD H . 4.97 -0.65 -1.75
O4 FAD H . 6.21 -0.73 -1.93
C4X FAD H . 4.03 -0.32 -2.76
N5 FAD H . 4.48 -0.04 -4.06
C5X FAD H . 3.53 0.33 -5.02
C6 FAD H . 3.99 0.66 -6.33
C7 FAD H . 3.12 1.02 -7.32
C7M FAD H . 3.72 1.34 -8.71
C8 FAD H . 1.74 1.09 -7.09
C8M FAD H . 0.76 1.50 -8.18
C9 FAD H . 1.25 0.77 -5.77
C9A FAD H . 2.11 0.39 -4.73
N10 FAD H . 1.68 0.10 -3.35
C10 FAD H . 2.66 -0.23 -2.41
C1' FAD H . 0.29 -0.22 -2.98
C2' FAD H . -0.74 0.95 -2.81
O2' FAD H . -0.96 1.56 -4.09
C3' FAD H . -0.24 1.96 -1.76
O3' FAD H . 0.26 1.35 -0.59
C4' FAD H . -1.31 3.05 -1.42
O4' FAD H . -2.50 2.47 -0.96
C5' FAD H . -1.58 3.98 -2.59
O5' FAD H . -1.81 5.30 -2.12
P FAD H . -2.37 6.40 -3.11
O1P FAD H . -2.51 7.63 -2.34
O2P FAD H . -1.48 6.42 -4.31
O3P FAD H . -3.81 5.82 -3.52
#